data_4UVE
#
_entry.id   4UVE
#
_cell.length_a   97.469
_cell.length_b   97.469
_cell.length_c   140.698
_cell.angle_alpha   90.00
_cell.angle_beta   90.00
_cell.angle_gamma   120.00
#
_symmetry.space_group_name_H-M   'P 62 2 2'
#
loop_
_entity.id
_entity.type
_entity.pdbx_description
1 polymer 'ENOYL-[ACYL-CARRIER-PROTEIN] REDUCTASE [NADH]'
2 non-polymer NICOTINAMIDE-ADENINE-DINUCLEOTIDE
3 non-polymer 'MAGNESIUM ION'
4 non-polymer 2-(4,6-DIMETHYLPYRIMIDIN-2-YL)SULFANYLETHANOL
5 water water
#
_entity_poly.entity_id   1
_entity_poly.type   'polypeptide(L)'
_entity_poly.pdbx_seq_one_letter_code
;MTGLLDGKRILVSGIITDSSIAFHIARVAQEQGAQLVLTGFDRLRLIQRITDRLPAKAPLLELDVQNEEHLASLAGRVTE
AIGAGNKLDGVVHSIGFMPQTGMGINPFFDAPYADVSKGIHISAYSYASMAKALLPIMNPGGSIVGMDFDPSRAMPAYNW
MTVAKSALESVNRFVAREAGKYGVRSNLVAAGPIRTLAMSAIVGGALGEEAGAQIQLLEEGWDQRAPIGWNMKDATPVAK
TVCALLSDWLPATTGDIIYADGGAHTQLL
;
_entity_poly.pdbx_strand_id   A
#
loop_
_chem_comp.id
_chem_comp.type
_chem_comp.name
_chem_comp.formula
KI5 non-polymer 2-(4,6-DIMETHYLPYRIMIDIN-2-YL)SULFANYLETHANOL 'C8 H12 N2 O S'
MG non-polymer 'MAGNESIUM ION' 'Mg 2'
NAD non-polymer NICOTINAMIDE-ADENINE-DINUCLEOTIDE 'C21 H27 N7 O14 P2'
#
# COMPACT_ATOMS: atom_id res chain seq x y z
N THR A 2 13.44 16.71 -15.05
CA THR A 2 13.88 15.39 -15.64
C THR A 2 13.88 14.20 -14.64
N GLY A 3 12.82 14.15 -13.85
CA GLY A 3 12.65 13.10 -12.92
C GLY A 3 12.01 11.92 -13.63
N LEU A 4 12.06 10.80 -12.94
CA LEU A 4 11.45 9.55 -13.39
C LEU A 4 9.98 9.70 -13.74
N LEU A 5 9.30 10.57 -13.00
CA LEU A 5 7.84 10.69 -13.07
C LEU A 5 7.40 12.08 -13.56
N ASP A 6 8.27 12.74 -14.34
CA ASP A 6 7.99 14.08 -14.87
C ASP A 6 6.66 14.12 -15.64
N GLY A 7 5.81 15.07 -15.29
CA GLY A 7 4.54 15.27 -15.98
C GLY A 7 3.40 14.35 -15.58
N LYS A 8 3.66 13.40 -14.67
CA LYS A 8 2.64 12.43 -14.30
C LYS A 8 1.80 12.98 -13.15
N ARG A 9 0.50 12.69 -13.19
CA ARG A 9 -0.43 13.00 -12.11
C ARG A 9 -0.81 11.71 -11.37
N ILE A 10 -0.50 11.66 -10.07
CA ILE A 10 -0.57 10.40 -9.32
C ILE A 10 -1.32 10.60 -8.01
N LEU A 11 -2.29 9.74 -7.75
CA LEU A 11 -3.02 9.73 -6.49
C LEU A 11 -2.33 8.78 -5.51
N VAL A 12 -2.12 9.24 -4.27
CA VAL A 12 -1.48 8.44 -3.22
C VAL A 12 -2.35 8.43 -1.96
N SER A 13 -2.85 7.25 -1.63
CA SER A 13 -3.60 7.02 -0.41
C SER A 13 -2.66 6.51 0.69
N GLY A 14 -3.14 6.47 1.93
CA GLY A 14 -2.48 5.74 3.00
C GLY A 14 -1.53 6.52 3.91
N ILE A 15 -1.42 7.84 3.76
CA ILE A 15 -0.58 8.61 4.72
C ILE A 15 -1.36 8.81 6.04
N ILE A 16 -0.78 8.39 7.16
CA ILE A 16 -1.30 8.69 8.51
C ILE A 16 -0.21 9.32 9.42
N THR A 17 1.06 8.87 9.30
CA THR A 17 2.18 9.47 10.04
C THR A 17 3.36 9.63 9.12
N ASP A 18 4.43 10.25 9.61
CA ASP A 18 5.64 10.42 8.81
C ASP A 18 6.45 9.12 8.65
N SER A 19 6.03 8.05 9.33
CA SER A 19 6.60 6.69 9.13
C SER A 19 5.77 5.78 8.21
N SER A 20 4.61 6.27 7.75
CA SER A 20 3.77 5.56 6.77
C SER A 20 4.57 5.27 5.52
N ILE A 21 4.47 4.07 4.97
CA ILE A 21 5.16 3.78 3.71
C ILE A 21 4.71 4.78 2.62
N ALA A 22 3.43 5.12 2.64
CA ALA A 22 2.89 6.08 1.68
C ALA A 22 3.50 7.47 1.78
N PHE A 23 3.95 7.88 2.96
CA PHE A 23 4.63 9.19 3.09
C PHE A 23 5.91 9.19 2.25
N HIS A 24 6.66 8.09 2.32
CA HIS A 24 7.90 7.96 1.56
C HIS A 24 7.66 7.75 0.07
N ILE A 25 6.61 7.00 -0.31
CA ILE A 25 6.18 6.93 -1.71
C ILE A 25 5.88 8.33 -2.26
N ALA A 26 5.08 9.11 -1.54
CA ALA A 26 4.76 10.49 -1.96
C ALA A 26 6.00 11.38 -2.07
N ARG A 27 6.87 11.33 -1.06
CA ARG A 27 8.11 12.13 -1.06
C ARG A 27 8.95 11.80 -2.30
N VAL A 28 9.22 10.52 -2.55
CA VAL A 28 10.05 10.12 -3.70
C VAL A 28 9.40 10.50 -5.05
N ALA A 29 8.09 10.31 -5.18
CA ALA A 29 7.39 10.64 -6.41
C ALA A 29 7.48 12.15 -6.70
N GLN A 30 7.32 12.97 -5.65
CA GLN A 30 7.51 14.45 -5.82
C GLN A 30 8.95 14.79 -6.19
N GLU A 31 9.94 14.12 -5.59
CA GLU A 31 11.35 14.35 -5.89
C GLU A 31 11.59 14.02 -7.35
N GLN A 32 10.80 13.08 -7.89
CA GLN A 32 10.91 12.66 -9.29
C GLN A 32 9.96 13.37 -10.27
N GLY A 33 9.35 14.49 -9.85
CA GLY A 33 8.60 15.34 -10.78
C GLY A 33 7.10 15.11 -10.88
N ALA A 34 6.57 14.19 -10.07
CA ALA A 34 5.13 13.86 -10.13
C ALA A 34 4.33 14.96 -9.44
N GLN A 35 3.13 15.20 -9.94
CA GLN A 35 2.16 16.07 -9.33
C GLN A 35 1.16 15.17 -8.58
N LEU A 36 1.04 15.35 -7.27
CA LEU A 36 0.20 14.45 -6.47
C LEU A 36 -1.17 15.00 -6.05
N VAL A 37 -2.12 14.05 -5.90
CA VAL A 37 -3.36 14.25 -5.14
C VAL A 37 -3.29 13.22 -4.02
N LEU A 38 -3.51 13.63 -2.78
CA LEU A 38 -3.45 12.70 -1.64
C LEU A 38 -4.86 12.37 -1.15
N THR A 39 -5.04 11.17 -0.59
CA THR A 39 -6.27 10.82 0.09
C THR A 39 -5.95 10.38 1.51
N GLY A 40 -6.83 10.75 2.43
CA GLY A 40 -6.69 10.42 3.83
C GLY A 40 -7.96 9.94 4.47
N PHE A 41 -7.81 9.11 5.51
CA PHE A 41 -8.90 8.51 6.24
C PHE A 41 -9.04 9.12 7.63
N ASP A 42 -10.24 9.65 7.88
CA ASP A 42 -10.75 10.04 9.20
C ASP A 42 -10.09 11.26 9.89
N ARG A 43 -8.77 11.24 10.06
CA ARG A 43 -8.09 12.30 10.85
C ARG A 43 -7.42 13.27 9.90
N LEU A 44 -8.25 14.05 9.23
CA LEU A 44 -7.76 14.86 8.11
C LEU A 44 -6.90 16.03 8.58
N ARG A 45 -7.18 16.57 9.77
CA ARG A 45 -6.36 17.63 10.34
C ARG A 45 -4.94 17.14 10.57
N LEU A 46 -4.82 16.00 11.22
CA LEU A 46 -3.53 15.34 11.43
C LEU A 46 -2.82 15.11 10.08
N ILE A 47 -3.52 14.50 9.13
CA ILE A 47 -2.91 14.14 7.84
C ILE A 47 -2.41 15.38 7.10
N GLN A 48 -3.17 16.47 7.12
CA GLN A 48 -2.74 17.72 6.49
C GLN A 48 -1.42 18.23 7.10
N ARG A 49 -1.32 18.19 8.41
CA ARG A 49 -0.11 18.64 9.09
C ARG A 49 1.10 17.78 8.78
N ILE A 50 0.91 16.45 8.72
CA ILE A 50 1.95 15.50 8.34
C ILE A 50 2.41 15.77 6.91
N THR A 51 1.44 15.90 5.99
CA THR A 51 1.76 16.06 4.57
C THR A 51 2.33 17.45 4.21
N ASP A 52 2.22 18.41 5.12
CA ASP A 52 2.90 19.71 4.97
C ASP A 52 4.42 19.54 4.91
N ARG A 53 4.93 18.42 5.42
CA ARG A 53 6.36 18.14 5.38
C ARG A 53 6.88 17.54 4.06
N LEU A 54 5.97 17.26 3.10
CA LEU A 54 6.38 16.77 1.76
C LEU A 54 7.08 17.89 0.96
N PRO A 55 7.93 17.55 -0.04
CA PRO A 55 8.63 18.60 -0.80
C PRO A 55 7.71 19.62 -1.50
N ALA A 56 6.50 19.20 -1.89
CA ALA A 56 5.54 20.08 -2.55
C ALA A 56 4.15 19.94 -1.96
N LYS A 57 3.40 21.04 -1.98
CA LYS A 57 2.00 21.07 -1.57
C LYS A 57 1.16 20.18 -2.49
N ALA A 58 0.19 19.50 -1.91
CA ALA A 58 -0.69 18.63 -2.70
C ALA A 58 -2.07 18.66 -2.12
N PRO A 59 -3.11 18.64 -2.98
CA PRO A 59 -4.46 18.59 -2.44
C PRO A 59 -4.73 17.30 -1.70
N LEU A 60 -5.47 17.39 -0.61
CA LEU A 60 -5.80 16.26 0.23
C LEU A 60 -7.29 16.05 0.21
N LEU A 61 -7.72 14.84 -0.18
CA LEU A 61 -9.12 14.47 -0.24
C LEU A 61 -9.45 13.41 0.80
N GLU A 62 -10.64 13.47 1.35
CA GLU A 62 -11.08 12.46 2.29
C GLU A 62 -11.53 11.19 1.56
N LEU A 63 -11.05 10.03 2.03
CA LEU A 63 -11.49 8.73 1.49
C LEU A 63 -11.43 7.64 2.54
N ASP A 64 -12.62 7.24 3.00
CA ASP A 64 -12.86 6.06 3.82
C ASP A 64 -13.31 4.99 2.82
N VAL A 65 -12.47 3.99 2.61
CA VAL A 65 -12.80 2.97 1.59
C VAL A 65 -14.01 2.09 1.90
N GLN A 66 -14.52 2.18 3.13
CA GLN A 66 -15.74 1.46 3.51
C GLN A 66 -16.99 2.32 3.23
N ASN A 67 -16.77 3.57 2.82
CA ASN A 67 -17.85 4.53 2.59
C ASN A 67 -18.17 4.65 1.10
N GLU A 68 -19.32 4.12 0.73
CA GLU A 68 -19.78 4.04 -0.67
C GLU A 68 -19.94 5.43 -1.33
N GLU A 69 -20.39 6.40 -0.54
CA GLU A 69 -20.51 7.77 -0.99
C GLU A 69 -19.15 8.37 -1.35
N HIS A 70 -18.16 8.19 -0.47
CA HIS A 70 -16.81 8.68 -0.75
C HIS A 70 -16.27 8.11 -2.08
N LEU A 71 -16.55 6.83 -2.32
CA LEU A 71 -16.03 6.14 -3.51
C LEU A 71 -16.76 6.63 -4.76
N ALA A 72 -18.06 6.84 -4.65
CA ALA A 72 -18.87 7.35 -5.75
C ALA A 72 -18.52 8.79 -6.16
N SER A 73 -18.12 9.62 -5.22
CA SER A 73 -17.77 11.02 -5.53
C SER A 73 -16.28 11.20 -5.86
N LEU A 74 -15.49 10.13 -5.66
CA LEU A 74 -14.03 10.28 -5.68
C LEU A 74 -13.47 10.81 -7.00
N ALA A 75 -13.89 10.24 -8.13
CA ALA A 75 -13.36 10.68 -9.44
C ALA A 75 -13.67 12.17 -9.71
N GLY A 76 -14.88 12.60 -9.34
CA GLY A 76 -15.26 14.01 -9.49
C GLY A 76 -14.43 14.96 -8.66
N ARG A 77 -14.18 14.57 -7.40
CA ARG A 77 -13.32 15.32 -6.51
C ARG A 77 -11.87 15.40 -6.99
N VAL A 78 -11.34 14.30 -7.54
CA VAL A 78 -9.99 14.28 -8.10
C VAL A 78 -9.94 15.18 -9.34
N THR A 79 -10.94 15.05 -10.20
CA THR A 79 -10.99 15.86 -11.43
C THR A 79 -11.01 17.37 -11.07
N GLU A 80 -11.76 17.77 -10.05
CA GLU A 80 -11.75 19.17 -9.65
C GLU A 80 -10.38 19.62 -9.08
N ALA A 81 -9.71 18.73 -8.35
CA ALA A 81 -8.36 19.00 -7.82
C ALA A 81 -7.28 19.09 -8.91
N ILE A 82 -7.39 18.29 -9.97
CA ILE A 82 -6.38 18.32 -11.04
C ILE A 82 -6.79 19.12 -12.28
N GLY A 83 -8.06 19.56 -12.33
CA GLY A 83 -8.58 20.39 -13.41
C GLY A 83 -9.25 19.57 -14.48
N ALA A 84 -10.44 20.00 -14.93
CA ALA A 84 -11.19 19.33 -15.99
C ALA A 84 -10.32 19.10 -17.22
N GLY A 85 -10.53 17.97 -17.89
CA GLY A 85 -9.73 17.63 -19.05
C GLY A 85 -8.42 16.91 -18.70
N ASN A 86 -7.98 16.98 -17.45
CA ASN A 86 -6.79 16.23 -17.01
C ASN A 86 -7.19 14.91 -16.36
N LYS A 87 -6.37 13.88 -16.53
CA LYS A 87 -6.61 12.56 -15.96
C LYS A 87 -5.39 12.14 -15.13
N LEU A 88 -5.55 11.10 -14.31
CA LEU A 88 -4.42 10.50 -13.56
C LEU A 88 -3.60 9.52 -14.40
N ASP A 89 -2.30 9.50 -14.15
CA ASP A 89 -1.40 8.51 -14.73
C ASP A 89 -1.08 7.37 -13.73
N GLY A 90 -1.29 7.64 -12.45
CA GLY A 90 -0.98 6.69 -11.41
C GLY A 90 -1.90 6.72 -10.23
N VAL A 91 -2.05 5.55 -9.60
CA VAL A 91 -2.82 5.36 -8.35
C VAL A 91 -2.04 4.45 -7.40
N VAL A 92 -1.86 4.91 -6.15
CA VAL A 92 -1.18 4.12 -5.14
C VAL A 92 -2.16 3.76 -4.01
N HIS A 93 -2.40 2.44 -3.84
CA HIS A 93 -3.17 1.89 -2.73
C HIS A 93 -2.15 1.49 -1.64
N SER A 94 -2.18 2.16 -0.49
CA SER A 94 -1.27 1.87 0.62
C SER A 94 -2.11 1.88 1.91
N ILE A 95 -3.11 1.02 1.87
CA ILE A 95 -4.17 0.91 2.83
C ILE A 95 -4.24 -0.54 3.35
N GLY A 96 -4.26 -0.69 4.65
CA GLY A 96 -4.34 -1.99 5.32
C GLY A 96 -4.84 -1.81 6.73
N PHE A 97 -5.62 -2.77 7.19
CA PHE A 97 -6.16 -2.80 8.54
C PHE A 97 -6.65 -4.18 8.90
N MET A 98 -6.36 -4.60 10.13
CA MET A 98 -7.01 -5.78 10.69
C MET A 98 -7.24 -5.52 12.16
N PRO A 99 -8.48 -5.77 12.66
CA PRO A 99 -8.69 -5.60 14.10
C PRO A 99 -7.74 -6.46 14.94
N GLN A 100 -7.51 -6.03 16.19
CA GLN A 100 -6.56 -6.71 17.09
C GLN A 100 -6.92 -8.17 17.34
N THR A 101 -8.19 -8.51 17.29
CA THR A 101 -8.61 -9.90 17.42
C THR A 101 -8.08 -10.77 16.26
N GLY A 102 -7.75 -10.17 15.13
CA GLY A 102 -7.23 -10.93 13.98
C GLY A 102 -5.71 -10.95 13.79
N MET A 103 -4.99 -10.28 14.69
CA MET A 103 -3.53 -10.30 14.71
C MET A 103 -3.03 -10.53 16.14
N GLY A 104 -1.74 -10.75 16.28
CA GLY A 104 -1.15 -10.89 17.62
C GLY A 104 -1.45 -12.19 18.35
N ILE A 105 -1.58 -12.11 19.68
CA ILE A 105 -1.62 -13.30 20.54
C ILE A 105 -3.03 -13.84 20.70
N ASN A 106 -4.04 -13.06 20.30
CA ASN A 106 -5.39 -13.59 20.29
C ASN A 106 -5.35 -14.83 19.38
N PRO A 107 -5.75 -16.01 19.89
CA PRO A 107 -5.66 -17.20 19.04
C PRO A 107 -6.35 -17.01 17.66
N PHE A 108 -5.75 -17.59 16.61
CA PHE A 108 -6.28 -17.50 15.23
C PHE A 108 -7.78 -17.83 15.17
N PHE A 109 -8.19 -18.88 15.87
CA PHE A 109 -9.57 -19.36 15.87
C PHE A 109 -10.53 -18.46 16.62
N ASP A 110 -10.00 -17.51 17.38
CA ASP A 110 -10.83 -16.62 18.17
C ASP A 110 -11.19 -15.28 17.53
N ALA A 111 -10.77 -15.02 16.29
CA ALA A 111 -11.17 -13.79 15.59
C ALA A 111 -12.62 -13.96 15.11
N PRO A 112 -13.55 -13.10 15.57
CA PRO A 112 -14.94 -13.19 15.03
C PRO A 112 -14.98 -12.82 13.56
N TYR A 113 -15.91 -13.39 12.78
CA TYR A 113 -15.94 -13.08 11.35
C TYR A 113 -16.20 -11.58 11.02
N ALA A 114 -17.00 -10.89 11.84
CA ALA A 114 -17.24 -9.46 11.63
C ALA A 114 -15.91 -8.68 11.61
N ASP A 115 -14.99 -9.04 12.49
CA ASP A 115 -13.66 -8.41 12.52
C ASP A 115 -12.82 -8.78 11.29
N VAL A 116 -12.77 -10.08 10.96
CA VAL A 116 -12.03 -10.52 9.76
C VAL A 116 -12.60 -9.82 8.51
N SER A 117 -13.93 -9.74 8.42
CA SER A 117 -14.60 -9.15 7.24
C SER A 117 -14.21 -7.69 7.09
N LYS A 118 -14.12 -6.96 8.20
CA LYS A 118 -13.76 -5.55 8.13
C LYS A 118 -12.31 -5.43 7.63
N GLY A 119 -11.45 -6.29 8.13
CA GLY A 119 -10.05 -6.31 7.71
C GLY A 119 -9.87 -6.63 6.23
N ILE A 120 -10.61 -7.60 5.73
CA ILE A 120 -10.54 -7.99 4.31
C ILE A 120 -11.17 -6.89 3.42
N HIS A 121 -12.22 -6.23 3.91
CA HIS A 121 -12.82 -5.05 3.21
C HIS A 121 -11.79 -3.97 2.95
N ILE A 122 -11.14 -3.53 4.04
CA ILE A 122 -10.18 -2.45 3.97
C ILE A 122 -8.90 -2.86 3.26
N SER A 123 -8.41 -4.06 3.54
CA SER A 123 -7.10 -4.51 3.05
C SER A 123 -7.08 -5.13 1.64
N ALA A 124 -8.20 -5.73 1.19
CA ALA A 124 -8.23 -6.46 -0.08
C ALA A 124 -9.31 -5.95 -1.05
N TYR A 125 -10.57 -5.95 -0.61
CA TYR A 125 -11.67 -5.52 -1.48
C TYR A 125 -11.47 -4.09 -1.96
N SER A 126 -10.94 -3.22 -1.08
CA SER A 126 -10.72 -1.80 -1.41
C SER A 126 -9.78 -1.58 -2.57
N TYR A 127 -8.90 -2.54 -2.87
CA TYR A 127 -8.05 -2.40 -4.03
C TYR A 127 -8.91 -2.40 -5.30
N ALA A 128 -9.91 -3.29 -5.35
CA ALA A 128 -10.89 -3.28 -6.45
C ALA A 128 -11.79 -2.03 -6.45
N SER A 129 -12.24 -1.61 -5.27
CA SER A 129 -13.09 -0.39 -5.12
C SER A 129 -12.39 0.82 -5.68
N MET A 130 -11.13 0.96 -5.35
CA MET A 130 -10.38 2.11 -5.79
C MET A 130 -10.19 2.10 -7.31
N ALA A 131 -9.87 0.92 -7.85
CA ALA A 131 -9.70 0.78 -9.27
C ALA A 131 -11.01 1.09 -10.01
N LYS A 132 -12.12 0.57 -9.51
CA LYS A 132 -13.44 0.89 -10.08
C LYS A 132 -13.69 2.40 -10.14
N ALA A 133 -13.44 3.07 -9.03
CA ALA A 133 -13.62 4.52 -8.93
C ALA A 133 -12.71 5.32 -9.87
N LEU A 134 -11.46 4.88 -10.05
CA LEU A 134 -10.45 5.72 -10.68
C LEU A 134 -10.08 5.37 -12.12
N LEU A 135 -10.28 4.13 -12.55
CA LEU A 135 -9.98 3.78 -13.95
C LEU A 135 -10.68 4.74 -14.97
N PRO A 136 -11.95 5.14 -14.72
CA PRO A 136 -12.57 6.06 -15.71
C PRO A 136 -11.88 7.43 -15.88
N ILE A 137 -10.99 7.78 -14.94
CA ILE A 137 -10.23 9.01 -15.03
C ILE A 137 -8.70 8.73 -15.07
N MET A 138 -8.29 7.59 -15.63
CA MET A 138 -6.88 7.30 -15.86
C MET A 138 -6.51 7.28 -17.34
N ASN A 139 -5.32 7.76 -17.66
CA ASN A 139 -4.80 7.75 -19.03
C ASN A 139 -4.24 6.40 -19.42
N PRO A 140 -4.28 6.06 -20.74
CA PRO A 140 -3.54 4.91 -21.24
C PRO A 140 -2.08 4.98 -20.86
N GLY A 141 -1.45 3.82 -20.64
CA GLY A 141 -0.08 3.82 -20.13
C GLY A 141 0.01 3.99 -18.62
N GLY A 142 -1.14 4.14 -17.97
CA GLY A 142 -1.18 4.37 -16.52
C GLY A 142 -0.86 3.15 -15.67
N SER A 143 -0.76 3.36 -14.37
CA SER A 143 -0.31 2.32 -13.43
C SER A 143 -1.01 2.42 -12.08
N ILE A 144 -1.59 1.31 -11.62
CA ILE A 144 -2.15 1.14 -10.29
C ILE A 144 -1.20 0.23 -9.47
N VAL A 145 -0.79 0.68 -8.28
CA VAL A 145 0.16 -0.08 -7.42
C VAL A 145 -0.43 -0.20 -6.00
N GLY A 146 -0.37 -1.41 -5.43
CA GLY A 146 -0.82 -1.69 -4.08
C GLY A 146 0.32 -2.26 -3.25
N MET A 147 0.21 -2.12 -1.94
CA MET A 147 1.23 -2.64 -1.02
C MET A 147 0.84 -4.02 -0.49
N ASP A 148 1.79 -4.97 -0.58
CA ASP A 148 1.62 -6.37 -0.21
C ASP A 148 2.69 -6.77 0.83
N PHE A 149 2.42 -7.82 1.61
CA PHE A 149 3.40 -8.49 2.46
C PHE A 149 3.24 -9.98 2.12
N ASP A 150 4.28 -10.59 1.56
CA ASP A 150 4.27 -11.98 1.10
C ASP A 150 3.49 -12.97 2.00
N PRO A 151 2.32 -13.42 1.53
CA PRO A 151 1.51 -14.35 2.31
C PRO A 151 1.57 -15.81 1.85
N SER A 152 2.59 -16.19 1.07
N SER A 152 2.57 -16.19 1.06
CA SER A 152 2.71 -17.55 0.50
CA SER A 152 2.64 -17.56 0.50
C SER A 152 2.87 -18.64 1.55
C SER A 152 2.88 -18.65 1.54
N ARG A 153 3.46 -18.28 2.69
CA ARG A 153 3.64 -19.17 3.81
CA ARG A 153 3.65 -19.17 3.81
C ARG A 153 3.02 -18.55 5.06
N ALA A 154 2.48 -19.36 5.96
CA ALA A 154 1.92 -18.81 7.17
C ALA A 154 3.07 -18.32 8.09
N MET A 155 2.75 -17.36 8.93
CA MET A 155 3.72 -16.87 9.93
C MET A 155 3.03 -16.56 11.26
N PRO A 156 3.81 -16.58 12.35
CA PRO A 156 3.19 -16.22 13.64
C PRO A 156 2.72 -14.78 13.69
N ALA A 157 1.65 -14.55 14.46
CA ALA A 157 1.06 -13.26 14.81
C ALA A 157 0.32 -12.50 13.69
N TYR A 158 0.85 -12.50 12.46
CA TYR A 158 0.18 -11.82 11.36
C TYR A 158 -1.21 -12.39 11.08
N ASN A 159 -1.36 -13.70 11.29
CA ASN A 159 -2.67 -14.36 11.28
C ASN A 159 -3.63 -13.90 10.18
N TRP A 160 -4.76 -13.28 10.54
CA TRP A 160 -5.75 -12.94 9.52
C TRP A 160 -5.32 -11.80 8.57
N MET A 161 -4.32 -10.99 8.97
CA MET A 161 -3.77 -10.02 8.05
C MET A 161 -3.08 -10.75 6.84
N THR A 162 -2.45 -11.89 7.09
CA THR A 162 -1.81 -12.70 6.02
C THR A 162 -2.89 -13.25 5.11
N VAL A 163 -3.99 -13.70 5.68
CA VAL A 163 -5.14 -14.14 4.87
C VAL A 163 -5.65 -12.98 3.98
N ALA A 164 -5.76 -11.77 4.54
CA ALA A 164 -6.17 -10.61 3.75
C ALA A 164 -5.21 -10.31 2.62
N LYS A 165 -3.91 -10.52 2.84
CA LYS A 165 -2.93 -10.29 1.77
C LYS A 165 -3.05 -11.34 0.65
N SER A 166 -3.34 -12.59 1.02
CA SER A 166 -3.59 -13.65 0.04
C SER A 166 -4.78 -13.26 -0.84
N ALA A 167 -5.85 -12.74 -0.23
CA ALA A 167 -7.01 -12.25 -0.98
C ALA A 167 -6.64 -11.05 -1.86
N LEU A 168 -5.80 -10.14 -1.35
CA LEU A 168 -5.36 -8.97 -2.10
C LEU A 168 -4.60 -9.37 -3.38
N GLU A 169 -3.67 -10.33 -3.28
CA GLU A 169 -2.92 -10.83 -4.41
C GLU A 169 -3.88 -11.39 -5.50
N SER A 170 -4.92 -12.10 -5.07
CA SER A 170 -5.92 -12.63 -6.00
C SER A 170 -6.67 -11.46 -6.66
N VAL A 171 -7.10 -10.50 -5.83
CA VAL A 171 -7.85 -9.32 -6.33
C VAL A 171 -7.04 -8.59 -7.39
N ASN A 172 -5.74 -8.44 -7.15
CA ASN A 172 -4.85 -7.73 -8.08
C ASN A 172 -4.87 -8.37 -9.49
N ARG A 173 -4.88 -9.71 -9.57
CA ARG A 173 -4.92 -10.38 -10.86
C ARG A 173 -6.21 -10.09 -11.65
N PHE A 174 -7.33 -9.94 -10.94
CA PHE A 174 -8.60 -9.57 -11.57
C PHE A 174 -8.67 -8.11 -11.96
N VAL A 175 -8.13 -7.23 -11.10
CA VAL A 175 -8.08 -5.81 -11.39
C VAL A 175 -7.24 -5.59 -12.66
N ALA A 176 -6.17 -6.38 -12.82
CA ALA A 176 -5.35 -6.27 -14.02
C ALA A 176 -6.15 -6.52 -15.31
N ARG A 177 -7.08 -7.48 -15.28
CA ARG A 177 -7.92 -7.77 -16.44
C ARG A 177 -8.78 -6.59 -16.81
N GLU A 178 -9.39 -5.96 -15.80
CA GLU A 178 -10.25 -4.77 -16.03
C GLU A 178 -9.42 -3.55 -16.44
N ALA A 179 -8.31 -3.32 -15.72
CA ALA A 179 -7.40 -2.19 -15.98
C ALA A 179 -6.81 -2.25 -17.38
N GLY A 180 -6.52 -3.46 -17.86
CA GLY A 180 -6.06 -3.67 -19.23
C GLY A 180 -6.92 -3.04 -20.33
N LYS A 181 -8.23 -2.96 -20.08
CA LYS A 181 -9.17 -2.37 -21.07
C LYS A 181 -8.93 -0.87 -21.22
N TYR A 182 -8.32 -0.25 -20.23
CA TYR A 182 -7.99 1.17 -20.23
C TYR A 182 -6.54 1.45 -20.63
N GLY A 183 -5.79 0.40 -20.96
CA GLY A 183 -4.36 0.51 -21.22
C GLY A 183 -3.57 0.74 -19.95
N VAL A 184 -4.11 0.30 -18.80
CA VAL A 184 -3.56 0.58 -17.48
C VAL A 184 -3.05 -0.74 -16.84
N ARG A 185 -1.89 -0.67 -16.16
CA ARG A 185 -1.29 -1.82 -15.45
C ARG A 185 -1.72 -1.83 -13.99
N SER A 186 -1.74 -3.03 -13.37
CA SER A 186 -2.06 -3.23 -11.94
C SER A 186 -1.06 -4.20 -11.35
N ASN A 187 -0.35 -3.77 -10.30
CA ASN A 187 0.68 -4.62 -9.69
C ASN A 187 0.77 -4.32 -8.21
N LEU A 188 1.34 -5.26 -7.48
CA LEU A 188 1.65 -5.07 -6.08
C LEU A 188 3.13 -5.05 -5.82
N VAL A 189 3.54 -4.27 -4.81
CA VAL A 189 4.90 -4.35 -4.27
C VAL A 189 4.84 -5.06 -2.90
N ALA A 190 5.50 -6.22 -2.82
CA ALA A 190 5.65 -6.98 -1.58
C ALA A 190 6.91 -6.52 -0.89
N ALA A 191 6.72 -5.76 0.17
CA ALA A 191 7.79 -5.18 0.96
C ALA A 191 8.20 -6.07 2.08
N GLY A 192 9.47 -5.98 2.49
CA GLY A 192 9.90 -6.52 3.74
C GLY A 192 9.29 -5.74 4.91
N PRO A 193 9.53 -6.17 6.14
CA PRO A 193 8.94 -5.47 7.29
C PRO A 193 9.53 -4.07 7.47
N ILE A 194 8.64 -3.11 7.72
CA ILE A 194 9.03 -1.71 7.87
C ILE A 194 8.55 -1.27 9.27
N ARG A 195 9.44 -0.63 10.01
CA ARG A 195 9.19 -0.16 11.37
C ARG A 195 8.37 1.12 11.35
N THR A 196 7.08 0.96 11.07
CA THR A 196 6.12 2.02 11.19
C THR A 196 5.83 2.19 12.67
N LEU A 197 5.06 3.21 13.03
CA LEU A 197 4.65 3.40 14.44
C LEU A 197 3.94 2.14 14.99
N ALA A 198 2.99 1.61 14.27
CA ALA A 198 2.26 0.39 14.69
C ALA A 198 3.17 -0.82 14.85
N MET A 199 4.11 -1.02 13.91
CA MET A 199 5.04 -2.13 14.00
C MET A 199 5.97 -2.01 15.20
N SER A 200 6.49 -0.81 15.45
CA SER A 200 7.30 -0.58 16.65
C SER A 200 6.49 -0.91 17.90
N ALA A 201 5.22 -0.49 17.91
CA ALA A 201 4.34 -0.75 19.06
C ALA A 201 4.11 -2.26 19.27
N ILE A 202 3.90 -2.98 18.18
CA ILE A 202 3.72 -4.45 18.22
C ILE A 202 4.96 -5.17 18.78
N VAL A 203 6.15 -4.81 18.31
CA VAL A 203 7.40 -5.35 18.84
C VAL A 203 7.55 -4.99 20.31
N GLY A 204 7.09 -3.80 20.69
CA GLY A 204 7.05 -3.39 22.08
C GLY A 204 5.98 -4.09 22.93
N GLY A 205 5.20 -4.98 22.31
CA GLY A 205 4.24 -5.83 23.04
C GLY A 205 2.79 -5.38 23.06
N ALA A 206 2.42 -4.42 22.23
CA ALA A 206 1.05 -3.88 22.17
C ALA A 206 -0.04 -4.92 21.86
N LEU A 207 0.32 -6.01 21.19
CA LEU A 207 -0.61 -7.11 20.87
C LEU A 207 -0.26 -8.40 21.60
N GLY A 208 0.40 -8.26 22.74
CA GLY A 208 0.86 -9.37 23.55
C GLY A 208 2.35 -9.62 23.43
N GLU A 209 2.94 -10.20 24.47
CA GLU A 209 4.40 -10.41 24.55
C GLU A 209 4.90 -11.45 23.54
N GLU A 210 4.13 -12.51 23.38
CA GLU A 210 4.52 -13.61 22.49
C GLU A 210 4.56 -13.15 21.03
N ALA A 211 3.56 -12.39 20.63
CA ALA A 211 3.46 -11.83 19.29
C ALA A 211 4.59 -10.85 19.02
N GLY A 212 4.90 -10.00 20.00
CA GLY A 212 6.04 -9.12 19.90
C GLY A 212 7.36 -9.84 19.66
N ALA A 213 7.62 -10.84 20.51
CA ALA A 213 8.79 -11.68 20.38
C ALA A 213 8.90 -12.34 18.98
N GLN A 214 7.78 -12.86 18.50
CA GLN A 214 7.70 -13.54 17.21
C GLN A 214 8.01 -12.61 16.05
N ILE A 215 7.46 -11.41 16.09
CA ILE A 215 7.68 -10.43 15.02
C ILE A 215 9.14 -9.93 15.03
N GLN A 216 9.71 -9.79 16.23
CA GLN A 216 11.12 -9.41 16.33
C GLN A 216 12.01 -10.45 15.68
N LEU A 217 11.74 -11.71 15.98
CA LEU A 217 12.50 -12.80 15.37
C LEU A 217 12.37 -12.82 13.86
N LEU A 218 11.15 -12.66 13.37
CA LEU A 218 10.90 -12.56 11.93
C LEU A 218 11.72 -11.46 11.28
N GLU A 219 11.81 -10.29 11.93
CA GLU A 219 12.60 -9.13 11.41
C GLU A 219 14.08 -9.44 11.32
N GLU A 220 14.59 -10.13 12.32
CA GLU A 220 16.00 -10.43 12.39
C GLU A 220 16.39 -11.43 11.31
N GLY A 221 15.53 -12.42 11.11
CA GLY A 221 15.74 -13.47 10.10
C GLY A 221 15.72 -12.91 8.68
N TRP A 222 14.87 -11.91 8.47
CA TRP A 222 14.71 -11.25 7.19
C TRP A 222 16.04 -10.65 6.69
N ASP A 223 16.67 -9.80 7.53
CA ASP A 223 17.96 -9.20 7.20
C ASP A 223 19.04 -10.26 7.00
N GLN A 224 19.00 -11.32 7.80
CA GLN A 224 19.98 -12.42 7.72
C GLN A 224 19.87 -13.19 6.39
N ARG A 225 18.64 -13.40 5.93
CA ARG A 225 18.31 -14.10 4.64
C ARG A 225 18.55 -13.26 3.38
N ALA A 226 18.32 -11.96 3.50
CA ALA A 226 18.39 -11.04 2.37
C ALA A 226 19.82 -10.96 1.82
N PRO A 227 20.06 -11.40 0.56
CA PRO A 227 21.46 -11.35 0.07
C PRO A 227 22.06 -9.92 0.05
N ILE A 228 21.22 -8.89 -0.06
CA ILE A 228 21.72 -7.50 0.01
C ILE A 228 21.34 -6.83 1.32
N GLY A 229 20.90 -7.62 2.29
CA GLY A 229 20.48 -7.05 3.59
C GLY A 229 19.09 -6.43 3.51
N TRP A 230 18.54 -6.10 4.67
CA TRP A 230 17.23 -5.46 4.77
C TRP A 230 17.27 -4.51 5.97
N ASN A 231 16.96 -3.25 5.71
CA ASN A 231 16.90 -2.23 6.72
C ASN A 231 15.47 -1.81 6.98
N MET A 232 14.90 -2.37 8.02
CA MET A 232 13.50 -2.11 8.38
C MET A 232 13.18 -0.66 8.76
N LYS A 233 14.20 0.13 9.08
CA LYS A 233 14.00 1.56 9.42
C LYS A 233 14.04 2.48 8.19
N ASP A 234 14.24 1.88 7.02
CA ASP A 234 14.36 2.65 5.78
C ASP A 234 13.30 2.23 4.74
N ALA A 235 12.25 3.03 4.60
CA ALA A 235 11.20 2.77 3.60
C ALA A 235 11.58 3.21 2.17
N THR A 236 12.67 3.99 2.03
CA THR A 236 13.06 4.53 0.72
C THR A 236 13.22 3.49 -0.43
N PRO A 237 13.87 2.33 -0.20
CA PRO A 237 13.96 1.32 -1.28
C PRO A 237 12.58 0.81 -1.76
N VAL A 238 11.62 0.76 -0.83
CA VAL A 238 10.25 0.37 -1.11
C VAL A 238 9.57 1.45 -1.96
N ALA A 239 9.73 2.71 -1.54
CA ALA A 239 9.17 3.85 -2.25
C ALA A 239 9.70 3.94 -3.68
N LYS A 240 11.00 3.71 -3.86
CA LYS A 240 11.63 3.74 -5.17
C LYS A 240 11.04 2.66 -6.08
N THR A 241 10.78 1.49 -5.50
CA THR A 241 10.19 0.36 -6.23
C THR A 241 8.78 0.68 -6.73
N VAL A 242 7.96 1.33 -5.88
CA VAL A 242 6.63 1.75 -6.28
C VAL A 242 6.74 2.75 -7.44
N CYS A 243 7.66 3.72 -7.32
CA CYS A 243 7.88 4.70 -8.39
C CYS A 243 8.36 4.01 -9.69
N ALA A 244 9.16 2.93 -9.59
CA ALA A 244 9.55 2.17 -10.77
C ALA A 244 8.30 1.66 -11.52
N LEU A 245 7.34 1.11 -10.77
CA LEU A 245 6.11 0.62 -11.36
C LEU A 245 5.20 1.71 -11.88
N LEU A 246 5.25 2.89 -11.25
CA LEU A 246 4.46 4.06 -11.70
C LEU A 246 5.02 4.68 -13.00
N SER A 247 6.29 4.41 -13.29
CA SER A 247 6.98 4.96 -14.47
C SER A 247 6.62 4.14 -15.72
N ASP A 248 7.22 4.52 -16.84
CA ASP A 248 7.05 3.82 -18.12
C ASP A 248 8.08 2.70 -18.33
N TRP A 249 8.84 2.36 -17.29
CA TRP A 249 9.99 1.44 -17.42
C TRP A 249 9.68 -0.04 -17.18
N LEU A 250 8.43 -0.36 -16.81
CA LEU A 250 7.97 -1.75 -16.71
C LEU A 250 6.63 -1.86 -17.43
N PRO A 251 6.63 -1.59 -18.75
CA PRO A 251 5.37 -1.44 -19.47
C PRO A 251 4.68 -2.74 -19.85
N ALA A 252 5.34 -3.89 -19.63
CA ALA A 252 4.79 -5.19 -19.94
C ALA A 252 4.57 -6.08 -18.71
N THR A 253 4.47 -5.46 -17.54
CA THR A 253 4.25 -6.16 -16.27
C THR A 253 2.90 -5.73 -15.69
N THR A 254 1.97 -6.70 -15.54
CA THR A 254 0.65 -6.46 -14.95
C THR A 254 0.08 -7.74 -14.31
N GLY A 255 -0.81 -7.54 -13.35
CA GLY A 255 -1.37 -8.61 -12.51
C GLY A 255 -0.34 -9.28 -11.62
N ASP A 256 0.76 -8.58 -11.37
CA ASP A 256 1.97 -9.19 -10.87
C ASP A 256 2.41 -8.62 -9.51
N ILE A 257 3.47 -9.22 -8.96
CA ILE A 257 4.03 -8.85 -7.66
C ILE A 257 5.53 -8.65 -7.82
N ILE A 258 6.03 -7.49 -7.41
CA ILE A 258 7.45 -7.14 -7.41
C ILE A 258 7.85 -7.13 -5.94
N TYR A 259 8.91 -7.87 -5.60
CA TYR A 259 9.37 -8.00 -4.22
C TYR A 259 10.49 -7.00 -3.91
N ALA A 260 10.18 -6.06 -3.01
CA ALA A 260 11.15 -5.10 -2.48
C ALA A 260 11.43 -5.53 -1.03
N ASP A 261 12.17 -6.61 -0.88
CA ASP A 261 12.39 -7.29 0.37
C ASP A 261 13.82 -7.70 0.63
N GLY A 262 14.76 -7.10 -0.12
CA GLY A 262 16.19 -7.48 -0.01
C GLY A 262 16.54 -8.83 -0.62
N GLY A 263 15.60 -9.44 -1.35
CA GLY A 263 15.70 -10.82 -1.82
C GLY A 263 15.44 -11.91 -0.79
N ALA A 264 14.96 -11.54 0.41
CA ALA A 264 14.77 -12.51 1.49
C ALA A 264 13.85 -13.69 1.12
N HIS A 265 12.81 -13.46 0.33
CA HIS A 265 11.87 -14.57 -0.03
C HIS A 265 12.48 -15.59 -0.99
N THR A 266 13.65 -15.29 -1.58
CA THR A 266 14.30 -16.17 -2.54
C THR A 266 15.32 -17.12 -1.87
N GLN A 267 15.46 -17.03 -0.52
CA GLN A 267 16.48 -17.73 0.25
C GLN A 267 15.82 -18.46 1.42
N LEU A 268 16.33 -19.63 1.78
CA LEU A 268 15.73 -20.39 2.91
C LEU A 268 16.46 -20.08 4.23
N LEU A 269 17.78 -20.05 4.16
CA LEU A 269 18.60 -19.43 5.21
C LEU A 269 19.78 -18.76 4.56
PA NAD B . 0.19 2.86 8.12
O1A NAD B . 1.13 4.04 8.09
O2A NAD B . -0.60 2.61 9.38
O5B NAD B . -0.76 2.96 6.82
C5B NAD B . -2.02 2.28 6.74
C4B NAD B . -3.01 3.26 6.17
O4B NAD B . -4.25 2.57 6.00
C3B NAD B . -3.28 4.48 7.09
O3B NAD B . -3.03 5.68 6.36
C2B NAD B . -4.76 4.34 7.38
O2B NAD B . -5.37 5.61 7.54
C1B NAD B . -5.24 3.58 6.13
N9A NAD B . -6.63 3.10 6.30
C8A NAD B . -7.08 2.34 7.30
N7A NAD B . -8.41 2.16 7.20
C5A NAD B . -8.81 2.89 6.15
C6A NAD B . -10.09 3.14 5.52
N6A NAD B . -11.23 2.60 5.98
N1A NAD B . -10.08 3.89 4.42
C2A NAD B . -8.96 4.43 3.93
N3A NAD B . -7.74 4.25 4.46
C4A NAD B . -7.64 3.49 5.56
O3 NAD B . 1.00 1.47 7.87
PN NAD B . 1.91 1.04 6.61
O1N NAD B . 2.56 2.14 5.88
O2N NAD B . 2.76 -0.11 7.10
O5D NAD B . 0.79 0.40 5.64
C5D NAD B . 0.63 0.70 4.26
C4D NAD B . 0.45 -0.59 3.44
O4D NAD B . 1.71 -1.31 3.36
C3D NAD B . -0.54 -1.58 4.03
O3D NAD B . -1.20 -2.20 2.92
C2D NAD B . 0.37 -2.57 4.72
O2D NAD B . -0.27 -3.84 4.93
C1D NAD B . 1.53 -2.66 3.75
N1N NAD B . 2.78 -3.29 4.20
C2N NAD B . 3.31 -2.96 5.42
C3N NAD B . 4.49 -3.55 5.86
C7N NAD B . 5.10 -3.17 7.17
O7N NAD B . 5.90 -3.90 7.69
N7N NAD B . 4.79 -1.96 7.72
C4N NAD B . 5.12 -4.52 5.05
C5N NAD B . 4.56 -4.84 3.81
C6N NAD B . 3.39 -4.19 3.41
MG MG C . 6.25 22.43 4.71
O KI5 D . -0.44 0.14 10.58
C6 KI5 D . -1.05 -0.34 9.37
C5 KI5 D . -1.92 -1.57 9.47
S KI5 D . -1.57 -2.51 7.94
C4 KI5 D . -0.24 -3.55 8.43
N KI5 D . 0.19 -3.42 9.69
C3 KI5 D . 1.21 -4.20 10.06
C7 KI5 D . 1.70 -4.06 11.46
C2 KI5 D . 1.78 -5.10 9.16
N1 KI5 D . 0.23 -4.41 7.50
C1 KI5 D . 1.26 -5.18 7.89
C KI5 D . 1.81 -6.13 6.86
#